data_3ET9
#
_entry.id   3ET9
#
_cell.length_a   79.940
_cell.length_b   79.940
_cell.length_c   68.170
_cell.angle_alpha   90.00
_cell.angle_beta   90.00
_cell.angle_gamma   90.00
#
_symmetry.space_group_name_H-M   'P 41 21 2'
#
loop_
_entity.id
_entity.type
_entity.pdbx_description
1 polymer 'Antibody 1H light chain and antibody 1H heavy chain linked with a synthetic (GGGGS)4 linker'
2 water water
#
_entity_poly.entity_id   1
_entity_poly.type   'polypeptide(L)'
_entity_poly.pdbx_seq_one_letter_code
;MADYKDIVLIQSTSSLSASLGDRVTISCRASQDIRNYLNWYQQKPDGTVKLLIYYTSRLLPGVPSRFSGSGSGTDYSLTI
SNLEQEDIGTYFCQQGNTLPWTFGGGTKLEIRRGGGGSGGGGSGGGGSGGGGSEVQLQQSGPELVKPGASVKISCKDSGY
AFSSSWMNWVKQRPGQGPEWIGRIYPGDGDTNYNGKFKGKATLTADKSSSTAYMQLSSLTSVDSAVYFCARSGLLRYAMD
YWGQGTSVTVSS
;
_entity_poly.pdbx_strand_id   F
#
# COMPACT_ATOMS: atom_id res chain seq x y z
N LYS A 5 9.54 -2.78 -18.53
CA LYS A 5 8.72 -1.77 -17.83
C LYS A 5 7.97 -2.65 -16.96
N ASP A 6 7.69 -2.08 -15.78
CA ASP A 6 6.98 -2.71 -14.72
C ASP A 6 5.59 -2.48 -15.23
N ILE A 7 4.71 -3.33 -14.77
CA ILE A 7 3.34 -3.25 -15.19
C ILE A 7 2.77 -1.97 -14.63
N VAL A 8 2.21 -1.13 -15.50
CA VAL A 8 1.62 0.12 -15.06
C VAL A 8 0.12 -0.04 -14.80
N LEU A 9 -0.32 0.46 -13.66
CA LEU A 9 -1.72 0.40 -13.28
C LEU A 9 -2.33 1.80 -13.41
N ILE A 10 -3.48 1.89 -14.05
CA ILE A 10 -4.14 3.18 -14.22
C ILE A 10 -5.53 3.18 -13.61
N GLN A 11 -5.87 4.29 -12.96
CA GLN A 11 -7.20 4.49 -12.40
C GLN A 11 -7.61 5.83 -13.02
N SER A 12 -8.16 5.75 -14.23
CA SER A 12 -8.55 6.93 -15.00
C SER A 12 -9.29 8.03 -14.24
N THR A 13 -10.07 7.65 -13.22
CA THR A 13 -10.77 8.65 -12.41
C THR A 13 -10.01 8.75 -11.10
N SER A 14 -9.45 9.92 -10.82
CA SER A 14 -8.67 10.14 -9.61
C SER A 14 -9.45 10.83 -8.51
N SER A 15 -10.64 11.32 -8.83
CA SER A 15 -11.45 12.01 -7.85
C SER A 15 -12.91 11.83 -8.17
N LEU A 16 -13.69 11.39 -7.20
CA LEU A 16 -15.10 11.23 -7.44
C LEU A 16 -15.88 11.47 -6.16
N SER A 17 -16.98 12.21 -6.27
CA SER A 17 -17.81 12.49 -5.12
C SER A 17 -19.17 11.92 -5.45
N ALA A 18 -19.96 11.64 -4.41
CA ALA A 18 -21.30 11.08 -4.58
C ALA A 18 -22.10 11.26 -3.31
N SER A 19 -23.35 10.83 -3.34
CA SER A 19 -24.23 10.94 -2.18
C SER A 19 -24.30 9.61 -1.44
N LEU A 20 -24.72 9.66 -0.18
CA LEU A 20 -24.87 8.42 0.59
C LEU A 20 -25.88 7.56 -0.16
N GLY A 21 -25.69 6.25 -0.10
CA GLY A 21 -26.60 5.35 -0.78
C GLY A 21 -26.26 5.12 -2.25
N ASP A 22 -25.49 6.02 -2.84
CA ASP A 22 -25.10 5.90 -4.24
C ASP A 22 -24.35 4.60 -4.56
N ARG A 23 -24.46 4.18 -5.81
CA ARG A 23 -23.70 3.02 -6.27
C ARG A 23 -22.41 3.66 -6.76
N VAL A 24 -21.28 3.17 -6.27
CA VAL A 24 -19.96 3.68 -6.67
C VAL A 24 -19.16 2.57 -7.31
N THR A 25 -18.61 2.84 -8.51
CA THR A 25 -17.81 1.85 -9.22
C THR A 25 -16.53 2.52 -9.73
N ILE A 26 -15.40 1.96 -9.33
CA ILE A 26 -14.08 2.47 -9.67
C ILE A 26 -13.34 1.52 -10.60
N SER A 27 -12.76 2.05 -11.66
CA SER A 27 -12.04 1.21 -12.62
C SER A 27 -10.52 1.21 -12.47
N CYS A 28 -9.94 0.02 -12.65
CA CYS A 28 -8.51 -0.18 -12.60
C CYS A 28 -8.16 -0.91 -13.90
N ARG A 29 -7.09 -0.46 -14.54
CA ARG A 29 -6.64 -1.05 -15.80
C ARG A 29 -5.15 -1.35 -15.74
N ALA A 30 -4.76 -2.52 -16.24
CA ALA A 30 -3.36 -2.94 -16.23
C ALA A 30 -2.79 -2.97 -17.64
N SER A 31 -1.52 -2.62 -17.77
CA SER A 31 -0.84 -2.60 -19.06
C SER A 31 -0.66 -3.99 -19.68
N GLN A 32 -0.93 -5.03 -18.89
CA GLN A 32 -0.84 -6.39 -19.39
C GLN A 32 -1.71 -7.27 -18.51
N ASP A 33 -2.15 -8.41 -19.04
CA ASP A 33 -3.00 -9.34 -18.32
C ASP A 33 -2.32 -9.70 -16.99
N ILE A 34 -2.91 -9.29 -15.88
CA ILE A 34 -2.32 -9.61 -14.58
C ILE A 34 -2.96 -10.81 -13.91
N ARG A 35 -3.55 -11.67 -14.73
CA ARG A 35 -4.15 -12.92 -14.28
C ARG A 35 -4.88 -12.88 -12.95
N ASN A 36 -5.88 -12.00 -12.85
CA ASN A 36 -6.69 -11.87 -11.66
C ASN A 36 -5.95 -11.60 -10.34
N TYR A 37 -4.66 -11.30 -10.41
CA TYR A 37 -3.89 -10.99 -9.21
C TYR A 37 -4.01 -9.47 -9.06
N LEU A 38 -5.15 -9.05 -8.53
CA LEU A 38 -5.46 -7.63 -8.36
C LEU A 38 -6.09 -7.42 -7.00
N ASN A 39 -5.61 -6.45 -6.25
CA ASN A 39 -6.14 -6.16 -4.91
C ASN A 39 -6.61 -4.72 -4.81
N TRP A 40 -7.41 -4.45 -3.80
CA TRP A 40 -7.90 -3.10 -3.55
C TRP A 40 -7.70 -2.70 -2.10
N TYR A 41 -7.11 -1.53 -1.88
CA TYR A 41 -6.90 -1.02 -0.52
C TYR A 41 -7.72 0.24 -0.33
N GLN A 42 -8.05 0.53 0.93
CA GLN A 42 -8.78 1.73 1.28
C GLN A 42 -7.94 2.53 2.26
N GLN A 43 -7.80 3.83 1.99
CA GLN A 43 -7.05 4.70 2.86
C GLN A 43 -8.01 5.78 3.34
N LYS A 44 -8.34 5.72 4.61
CA LYS A 44 -9.24 6.68 5.22
C LYS A 44 -8.63 8.08 5.21
N PRO A 45 -9.43 9.10 5.51
CA PRO A 45 -8.90 10.47 5.53
C PRO A 45 -7.71 10.64 6.47
N ASP A 46 -7.62 9.80 7.51
CA ASP A 46 -6.50 9.90 8.44
C ASP A 46 -5.22 9.22 7.96
N GLY A 47 -5.26 8.70 6.73
CA GLY A 47 -4.08 8.07 6.15
C GLY A 47 -3.90 6.59 6.39
N THR A 48 -4.70 6.00 7.28
CA THR A 48 -4.57 4.57 7.54
C THR A 48 -5.04 3.76 6.34
N VAL A 49 -4.36 2.64 6.11
CA VAL A 49 -4.63 1.77 4.98
C VAL A 49 -5.21 0.43 5.37
N LYS A 50 -6.03 -0.13 4.49
CA LYS A 50 -6.59 -1.44 4.73
C LYS A 50 -6.81 -2.20 3.43
N LEU A 51 -6.53 -3.50 3.47
CA LEU A 51 -6.74 -4.35 2.30
C LEU A 51 -8.23 -4.71 2.36
N LEU A 52 -8.99 -4.41 1.31
CA LEU A 52 -10.42 -4.74 1.31
C LEU A 52 -10.72 -5.97 0.47
N ILE A 53 -10.24 -5.96 -0.77
CA ILE A 53 -10.48 -7.07 -1.68
C ILE A 53 -9.17 -7.62 -2.19
N TYR A 54 -9.05 -8.93 -2.25
CA TYR A 54 -7.84 -9.56 -2.75
C TYR A 54 -8.21 -10.56 -3.84
N TYR A 55 -7.25 -10.84 -4.72
CA TYR A 55 -7.45 -11.78 -5.82
C TYR A 55 -8.72 -11.44 -6.61
N THR A 56 -8.80 -10.16 -6.97
CA THR A 56 -9.89 -9.58 -7.75
C THR A 56 -11.26 -9.42 -7.10
N SER A 57 -11.76 -10.48 -6.47
CA SER A 57 -13.11 -10.45 -5.91
C SER A 57 -13.34 -11.06 -4.55
N ARG A 58 -12.29 -11.32 -3.79
CA ARG A 58 -12.46 -11.93 -2.47
C ARG A 58 -12.46 -10.88 -1.36
N LEU A 59 -13.56 -10.79 -0.63
CA LEU A 59 -13.62 -9.82 0.46
C LEU A 59 -12.87 -10.35 1.66
N LEU A 60 -12.08 -9.48 2.27
CA LEU A 60 -11.36 -9.84 3.49
C LEU A 60 -12.31 -9.76 4.71
N PRO A 61 -12.10 -10.63 5.77
CA PRO A 61 -12.99 -10.70 6.93
C PRO A 61 -13.44 -9.44 7.47
N GLY A 62 -14.69 -9.29 7.51
CA GLY A 62 -15.11 -8.10 8.19
C GLY A 62 -15.42 -6.97 7.22
N VAL A 63 -14.93 -7.06 5.98
CA VAL A 63 -15.33 -6.03 5.05
C VAL A 63 -16.86 -6.13 4.91
N PRO A 64 -17.53 -4.99 4.65
CA PRO A 64 -18.97 -5.01 4.36
C PRO A 64 -19.33 -5.58 2.99
N SER A 65 -20.35 -6.42 2.96
CA SER A 65 -20.77 -7.06 1.73
C SER A 65 -21.13 -6.07 0.61
N ARG A 66 -21.26 -4.78 0.92
CA ARG A 66 -21.58 -3.82 -0.12
C ARG A 66 -20.40 -3.64 -1.07
N PHE A 67 -19.26 -4.25 -0.74
CA PHE A 67 -18.07 -4.17 -1.59
C PHE A 67 -17.97 -5.44 -2.43
N SER A 68 -17.53 -5.30 -3.67
CA SER A 68 -17.33 -6.43 -4.56
C SER A 68 -16.24 -6.07 -5.56
N GLY A 69 -15.72 -7.08 -6.26
CA GLY A 69 -14.68 -6.85 -7.23
C GLY A 69 -14.98 -7.69 -8.46
N SER A 70 -14.69 -7.16 -9.64
CA SER A 70 -14.94 -7.87 -10.88
C SER A 70 -13.80 -7.64 -11.86
N GLY A 71 -13.80 -8.42 -12.95
CA GLY A 71 -12.76 -8.24 -13.94
C GLY A 71 -11.88 -9.44 -14.20
N SER A 72 -11.07 -9.32 -15.25
CA SER A 72 -10.15 -10.37 -15.65
C SER A 72 -9.24 -9.73 -16.69
N GLY A 73 -8.15 -10.42 -17.02
CA GLY A 73 -7.22 -9.89 -18.01
C GLY A 73 -6.55 -8.62 -17.54
N THR A 74 -6.92 -7.51 -18.16
CA THR A 74 -6.34 -6.22 -17.83
C THR A 74 -7.36 -5.25 -17.24
N ASP A 75 -8.64 -5.61 -17.28
CA ASP A 75 -9.69 -4.71 -16.79
C ASP A 75 -10.37 -5.16 -15.50
N TYR A 76 -10.27 -4.32 -14.47
CA TYR A 76 -10.86 -4.63 -13.17
C TYR A 76 -11.64 -3.45 -12.62
N SER A 77 -12.45 -3.71 -11.60
CA SER A 77 -13.24 -2.66 -10.98
C SER A 77 -13.66 -3.00 -9.56
N LEU A 78 -13.88 -1.96 -8.77
CA LEU A 78 -14.33 -2.10 -7.40
C LEU A 78 -15.69 -1.41 -7.36
N THR A 79 -16.62 -2.00 -6.61
CA THR A 79 -17.96 -1.42 -6.52
C THR A 79 -18.48 -1.43 -5.08
N ILE A 80 -19.10 -0.32 -4.71
CA ILE A 80 -19.73 -0.20 -3.40
C ILE A 80 -21.20 -0.07 -3.82
N SER A 81 -22.01 -1.04 -3.44
CA SER A 81 -23.41 -1.03 -3.85
C SER A 81 -24.22 0.17 -3.39
N ASN A 82 -23.82 0.77 -2.27
CA ASN A 82 -24.50 1.95 -1.72
C ASN A 82 -23.54 2.60 -0.74
N LEU A 83 -23.00 3.74 -1.15
CA LEU A 83 -22.02 4.47 -0.36
C LEU A 83 -22.40 4.78 1.09
N GLU A 84 -21.49 4.49 2.01
CA GLU A 84 -21.67 4.78 3.42
C GLU A 84 -20.64 5.85 3.82
N GLN A 85 -20.89 6.51 4.94
CA GLN A 85 -19.98 7.55 5.42
C GLN A 85 -18.55 7.03 5.62
N GLU A 86 -18.43 5.89 6.29
CA GLU A 86 -17.12 5.31 6.56
C GLU A 86 -16.39 4.90 5.27
N ASP A 87 -17.06 4.98 4.12
CA ASP A 87 -16.44 4.62 2.85
C ASP A 87 -15.65 5.76 2.21
N ILE A 88 -15.52 6.87 2.92
CA ILE A 88 -14.78 8.00 2.41
C ILE A 88 -13.29 7.72 2.56
N GLY A 89 -12.53 8.08 1.53
CA GLY A 89 -11.10 7.86 1.53
C GLY A 89 -10.64 7.67 0.10
N THR A 90 -9.43 7.14 -0.09
CA THR A 90 -8.90 6.92 -1.43
C THR A 90 -8.71 5.43 -1.66
N TYR A 91 -9.06 4.99 -2.87
CA TYR A 91 -8.98 3.59 -3.24
C TYR A 91 -7.88 3.35 -4.25
N PHE A 92 -7.01 2.39 -3.95
CA PHE A 92 -5.89 2.06 -4.82
C PHE A 92 -5.87 0.59 -5.19
N CYS A 93 -5.74 0.29 -6.48
CA CYS A 93 -5.62 -1.10 -6.87
C CYS A 93 -4.12 -1.39 -6.92
N GLN A 94 -3.78 -2.67 -7.04
CA GLN A 94 -2.39 -3.11 -7.05
C GLN A 94 -2.29 -4.48 -7.72
N GLN A 95 -1.33 -4.63 -8.64
CA GLN A 95 -1.16 -5.90 -9.32
C GLN A 95 -0.17 -6.81 -8.61
N GLY A 96 -0.50 -8.09 -8.57
CA GLY A 96 0.36 -9.05 -7.93
C GLY A 96 0.75 -10.17 -8.87
N ASN A 97 1.01 -9.82 -10.12
CA ASN A 97 1.41 -10.81 -11.12
C ASN A 97 2.92 -10.87 -11.27
N THR A 98 3.56 -9.70 -11.25
CA THR A 98 5.02 -9.64 -11.42
C THR A 98 5.65 -8.56 -10.56
N LEU A 99 6.79 -8.86 -9.97
CA LEU A 99 7.51 -7.88 -9.16
C LEU A 99 8.13 -6.86 -10.13
N PRO A 100 8.18 -5.59 -9.72
CA PRO A 100 7.73 -5.04 -8.44
C PRO A 100 6.22 -4.87 -8.43
N TRP A 101 5.61 -4.95 -7.25
CA TRP A 101 4.17 -4.75 -7.20
C TRP A 101 3.98 -3.28 -7.54
N THR A 102 2.99 -3.00 -8.36
CA THR A 102 2.68 -1.64 -8.75
C THR A 102 1.23 -1.33 -8.44
N PHE A 103 0.97 -0.08 -8.06
CA PHE A 103 -0.37 0.40 -7.69
C PHE A 103 -0.92 1.41 -8.68
N GLY A 104 -2.24 1.53 -8.70
CA GLY A 104 -2.89 2.52 -9.55
C GLY A 104 -2.65 3.88 -8.92
N GLY A 105 -3.15 4.93 -9.56
CA GLY A 105 -2.93 6.27 -9.02
C GLY A 105 -3.87 6.73 -7.92
N GLY A 106 -4.83 5.88 -7.59
CA GLY A 106 -5.78 6.21 -6.55
C GLY A 106 -7.03 6.94 -7.01
N THR A 107 -8.13 6.69 -6.31
CA THR A 107 -9.40 7.35 -6.59
C THR A 107 -9.93 7.84 -5.26
N LYS A 108 -9.94 9.16 -5.09
CA LYS A 108 -10.41 9.76 -3.87
C LYS A 108 -11.93 9.87 -3.93
N LEU A 109 -12.60 9.20 -2.99
CA LEU A 109 -14.05 9.17 -2.95
C LEU A 109 -14.53 10.10 -1.84
N GLU A 110 -15.40 11.04 -2.19
CA GLU A 110 -15.96 11.99 -1.24
C GLU A 110 -17.49 12.01 -1.26
N ILE A 111 -18.08 12.87 -0.44
CA ILE A 111 -19.53 13.01 -0.39
C ILE A 111 -19.89 14.36 -0.96
N ARG A 112 -20.72 14.34 -1.99
CA ARG A 112 -21.14 15.57 -2.62
C ARG A 112 -21.97 16.40 -1.70
N ARG A 113 -22.09 17.66 -2.08
CA ARG A 113 -22.88 18.65 -1.37
C ARG A 113 -23.75 18.39 -0.12
N GLY A 114 -24.81 17.80 -0.38
N GLN A 136 0.83 -4.76 16.99
CA GLN A 136 1.26 -5.22 15.63
C GLN A 136 1.27 -4.28 14.48
N LEU A 137 0.96 -3.64 13.37
CA LEU A 137 2.10 -2.83 12.98
C LEU A 137 2.28 -1.43 13.55
N GLN A 138 3.18 -1.36 14.54
CA GLN A 138 3.50 -0.12 15.24
C GLN A 138 4.75 0.48 14.64
N GLN A 139 4.59 1.64 14.03
CA GLN A 139 5.70 2.33 13.39
C GLN A 139 6.21 3.46 14.27
N SER A 140 7.42 3.92 13.97
CA SER A 140 8.07 4.99 14.72
C SER A 140 7.56 6.36 14.29
N GLY A 141 7.87 7.37 15.09
CA GLY A 141 7.41 8.73 14.83
C GLY A 141 7.94 9.48 13.63
N PRO A 142 7.30 10.60 13.31
CA PRO A 142 7.69 11.44 12.18
C PRO A 142 9.11 11.99 12.32
N GLU A 143 9.76 12.21 11.20
CA GLU A 143 11.12 12.73 11.19
C GLU A 143 11.30 13.89 10.23
N LEU A 144 12.06 14.90 10.67
CA LEU A 144 12.36 16.08 9.87
C LEU A 144 13.88 16.05 9.75
N VAL A 145 14.37 16.09 8.52
CA VAL A 145 15.79 15.99 8.23
C VAL A 145 16.27 16.98 7.19
N LYS A 146 17.58 17.25 7.16
CA LYS A 146 18.13 18.16 6.17
C LYS A 146 18.42 17.37 4.91
N PRO A 147 18.49 18.05 3.77
CA PRO A 147 18.78 17.36 2.50
C PRO A 147 20.07 16.54 2.60
N GLY A 148 20.06 15.37 1.98
CA GLY A 148 21.24 14.53 2.00
C GLY A 148 21.42 13.69 3.24
N ALA A 149 20.57 13.89 4.24
CA ALA A 149 20.67 13.12 5.47
C ALA A 149 20.00 11.77 5.27
N SER A 150 20.27 10.83 6.16
CA SER A 150 19.69 9.50 6.09
C SER A 150 18.81 9.27 7.33
N VAL A 151 17.86 8.33 7.21
CA VAL A 151 16.97 7.99 8.32
C VAL A 151 16.75 6.50 8.35
N LYS A 152 16.60 5.96 9.56
CA LYS A 152 16.34 4.54 9.75
C LYS A 152 15.07 4.48 10.59
N ILE A 153 14.00 3.98 9.98
CA ILE A 153 12.72 3.90 10.67
C ILE A 153 12.38 2.44 11.00
N SER A 154 11.48 2.24 11.97
CA SER A 154 11.13 0.90 12.41
C SER A 154 9.65 0.55 12.35
N CYS A 155 9.39 -0.74 12.52
CA CYS A 155 8.03 -1.28 12.46
C CYS A 155 8.00 -2.51 13.37
N LYS A 156 7.34 -2.37 14.52
CA LYS A 156 7.26 -3.49 15.46
C LYS A 156 5.96 -4.27 15.31
N ASP A 157 6.10 -5.56 15.02
CA ASP A 157 4.97 -6.45 14.80
C ASP A 157 4.70 -7.32 16.02
N SER A 158 3.56 -7.09 16.66
CA SER A 158 3.19 -7.88 17.84
C SER A 158 2.60 -9.24 17.46
N GLY A 159 2.33 -9.43 16.17
CA GLY A 159 1.77 -10.69 15.70
C GLY A 159 2.75 -11.84 15.85
N TYR A 160 2.24 -13.05 15.72
CA TYR A 160 3.04 -14.26 15.87
C TYR A 160 3.70 -14.75 14.60
N ALA A 161 3.43 -14.07 13.48
CA ALA A 161 3.99 -14.47 12.21
C ALA A 161 5.10 -13.55 11.67
N PHE A 162 5.65 -12.69 12.52
CA PHE A 162 6.72 -11.79 12.08
C PHE A 162 7.80 -12.50 11.29
N SER A 163 8.42 -13.51 11.90
CA SER A 163 9.51 -14.25 11.26
C SER A 163 9.07 -15.23 10.18
N SER A 164 7.76 -15.39 9.98
CA SER A 164 7.27 -16.31 8.95
C SER A 164 6.42 -15.61 7.90
N SER A 165 6.66 -14.31 7.74
CA SER A 165 5.93 -13.51 6.76
C SER A 165 6.89 -12.55 6.08
N TRP A 166 6.39 -11.83 5.09
CA TRP A 166 7.20 -10.84 4.41
C TRP A 166 6.82 -9.46 4.91
N MET A 167 7.81 -8.64 5.24
CA MET A 167 7.48 -7.30 5.66
C MET A 167 7.79 -6.42 4.47
N ASN A 168 6.74 -5.79 3.93
CA ASN A 168 6.84 -4.91 2.77
C ASN A 168 6.87 -3.46 3.22
N TRP A 169 7.32 -2.57 2.34
CA TRP A 169 7.35 -1.15 2.64
C TRP A 169 6.77 -0.42 1.45
N VAL A 170 6.05 0.66 1.72
CA VAL A 170 5.38 1.43 0.70
C VAL A 170 5.57 2.93 0.92
N LYS A 171 5.85 3.64 -0.17
CA LYS A 171 6.06 5.09 -0.13
C LYS A 171 4.83 5.81 -0.66
N GLN A 172 4.47 6.90 -0.01
CA GLN A 172 3.34 7.70 -0.46
C GLN A 172 3.60 9.19 -0.41
N ARG A 173 3.79 9.77 -1.59
CA ARG A 173 4.00 11.21 -1.74
C ARG A 173 2.60 11.79 -1.83
N PRO A 174 2.35 12.95 -1.18
CA PRO A 174 1.00 13.53 -1.25
C PRO A 174 0.42 13.73 -2.64
N GLY A 175 -0.60 12.93 -2.94
CA GLY A 175 -1.26 13.04 -4.23
C GLY A 175 -0.95 11.94 -5.22
N GLN A 176 0.19 11.26 -5.04
CA GLN A 176 0.56 10.17 -5.95
C GLN A 176 0.12 8.79 -5.44
N GLY A 177 0.28 7.78 -6.28
CA GLY A 177 -0.10 6.44 -5.88
C GLY A 177 0.98 5.85 -5.01
N PRO A 178 0.67 4.90 -4.14
CA PRO A 178 1.71 4.32 -3.28
C PRO A 178 2.75 3.62 -4.16
N GLU A 179 3.93 3.38 -3.60
CA GLU A 179 5.01 2.71 -4.32
C GLU A 179 5.61 1.62 -3.45
N TRP A 180 5.57 0.39 -3.93
CA TRP A 180 6.15 -0.73 -3.20
C TRP A 180 7.66 -0.56 -3.32
N ILE A 181 8.34 -0.43 -2.19
CA ILE A 181 9.79 -0.23 -2.15
C ILE A 181 10.59 -1.52 -2.14
N GLY A 182 10.09 -2.52 -1.41
CA GLY A 182 10.79 -3.78 -1.32
C GLY A 182 10.24 -4.56 -0.15
N ARG A 183 10.84 -5.70 0.17
CA ARG A 183 10.36 -6.53 1.26
C ARG A 183 11.49 -7.33 1.88
N ILE A 184 11.23 -7.92 3.04
CA ILE A 184 12.21 -8.75 3.71
C ILE A 184 11.48 -9.85 4.46
N TYR A 185 12.08 -11.04 4.47
CA TYR A 185 11.53 -12.19 5.17
C TYR A 185 12.41 -12.31 6.43
N PRO A 186 11.92 -11.86 7.59
CA PRO A 186 12.69 -11.92 8.84
C PRO A 186 13.28 -13.28 9.18
N GLY A 187 12.67 -14.34 8.68
CA GLY A 187 13.16 -15.68 8.96
C GLY A 187 14.64 -15.85 8.67
N ASP A 188 15.06 -15.56 7.44
CA ASP A 188 16.47 -15.70 7.08
C ASP A 188 17.12 -14.42 6.57
N GLY A 189 16.35 -13.33 6.55
CA GLY A 189 16.89 -12.05 6.12
C GLY A 189 16.89 -11.79 4.62
N ASP A 190 16.37 -12.74 3.87
CA ASP A 190 16.29 -12.61 2.42
C ASP A 190 15.46 -11.36 2.11
N THR A 191 15.74 -10.72 0.98
CA THR A 191 15.01 -9.53 0.59
C THR A 191 14.73 -9.49 -0.91
N ASN A 192 13.78 -8.62 -1.27
CA ASN A 192 13.39 -8.42 -2.66
C ASN A 192 13.08 -6.94 -2.75
N TYR A 193 13.87 -6.24 -3.57
CA TYR A 193 13.69 -4.81 -3.73
C TYR A 193 13.06 -4.41 -5.05
N ASN A 194 12.58 -3.16 -5.11
CA ASN A 194 12.06 -2.60 -6.34
C ASN A 194 13.31 -1.90 -6.86
N GLY A 195 13.67 -2.14 -8.11
CA GLY A 195 14.87 -1.52 -8.66
C GLY A 195 15.02 -0.04 -8.40
N LYS A 196 13.91 0.69 -8.52
CA LYS A 196 13.89 2.12 -8.30
C LYS A 196 14.49 2.54 -6.95
N PHE A 197 14.29 1.73 -5.92
CA PHE A 197 14.80 2.07 -4.59
C PHE A 197 16.02 1.25 -4.15
N LYS A 198 16.61 0.50 -5.06
CA LYS A 198 17.76 -0.33 -4.70
C LYS A 198 18.84 0.41 -3.94
N GLY A 199 19.46 1.41 -4.55
CA GLY A 199 20.51 2.13 -3.85
C GLY A 199 19.96 3.13 -2.84
N LYS A 200 18.65 3.21 -2.77
CA LYS A 200 17.98 4.16 -1.89
C LYS A 200 17.58 3.60 -0.53
N ALA A 201 17.09 2.36 -0.53
CA ALA A 201 16.61 1.73 0.70
C ALA A 201 17.36 0.47 1.09
N THR A 202 17.49 0.26 2.40
CA THR A 202 18.14 -0.90 2.96
C THR A 202 17.19 -1.45 4.01
N LEU A 203 16.69 -2.66 3.78
CA LEU A 203 15.75 -3.28 4.70
C LEU A 203 16.45 -4.29 5.62
N THR A 204 16.16 -4.21 6.91
CA THR A 204 16.71 -5.15 7.87
C THR A 204 15.62 -5.48 8.88
N ALA A 205 15.84 -6.51 9.68
CA ALA A 205 14.85 -6.90 10.68
C ALA A 205 15.52 -7.40 11.95
N ASP A 206 14.71 -7.65 12.97
CA ASP A 206 15.21 -8.16 14.23
C ASP A 206 14.15 -9.10 14.78
N LYS A 207 14.43 -10.40 14.73
CA LYS A 207 13.48 -11.39 15.20
C LYS A 207 13.25 -11.35 16.69
N SER A 208 14.29 -11.03 17.47
CA SER A 208 14.16 -11.00 18.93
C SER A 208 13.29 -9.87 19.44
N SER A 209 13.04 -8.88 18.59
CA SER A 209 12.22 -7.74 18.98
C SER A 209 11.03 -7.60 18.05
N SER A 210 10.91 -8.50 17.07
CA SER A 210 9.83 -8.47 16.10
C SER A 210 9.70 -7.10 15.45
N THR A 211 10.83 -6.54 15.05
CA THR A 211 10.86 -5.22 14.43
C THR A 211 11.60 -5.20 13.10
N ALA A 212 10.95 -4.60 12.11
CA ALA A 212 11.53 -4.47 10.78
C ALA A 212 11.99 -3.02 10.63
N TYR A 213 13.20 -2.84 10.10
CA TYR A 213 13.74 -1.49 9.92
C TYR A 213 13.97 -1.16 8.46
N MET A 214 13.85 0.13 8.14
CA MET A 214 14.14 0.59 6.81
C MET A 214 14.92 1.88 6.90
N GLN A 215 16.08 1.89 6.25
CA GLN A 215 16.92 3.07 6.24
C GLN A 215 16.85 3.67 4.84
N LEU A 216 16.66 4.99 4.79
CA LEU A 216 16.59 5.70 3.53
C LEU A 216 17.80 6.63 3.51
N SER A 217 18.65 6.47 2.51
CA SER A 217 19.86 7.27 2.43
C SER A 217 19.91 8.40 1.42
N SER A 218 20.61 9.47 1.81
CA SER A 218 20.81 10.64 0.96
C SER A 218 19.49 11.23 0.51
N LEU A 219 18.67 11.62 1.48
CA LEU A 219 17.34 12.13 1.19
C LEU A 219 17.24 13.42 0.39
N THR A 220 16.31 13.42 -0.56
CA THR A 220 16.05 14.58 -1.41
C THR A 220 14.59 14.94 -1.18
N SER A 221 14.19 16.11 -1.66
CA SER A 221 12.81 16.56 -1.51
C SER A 221 11.84 15.52 -2.09
N VAL A 222 12.33 14.70 -3.00
CA VAL A 222 11.50 13.68 -3.64
C VAL A 222 11.23 12.52 -2.67
N ASP A 223 11.97 12.49 -1.57
CA ASP A 223 11.79 11.43 -0.57
C ASP A 223 10.81 11.82 0.53
N SER A 224 10.49 13.11 0.64
CA SER A 224 9.51 13.55 1.63
C SER A 224 8.23 12.80 1.31
N ALA A 225 7.72 12.05 2.29
CA ALA A 225 6.51 11.27 2.09
C ALA A 225 6.18 10.53 3.38
N VAL A 226 5.16 9.67 3.28
CA VAL A 226 4.77 8.83 4.39
C VAL A 226 5.16 7.43 3.94
N TYR A 227 5.84 6.72 4.82
CA TYR A 227 6.28 5.36 4.53
C TYR A 227 5.55 4.35 5.41
N PHE A 228 4.99 3.33 4.77
CA PHE A 228 4.26 2.30 5.48
C PHE A 228 4.97 0.96 5.48
N CYS A 229 4.78 0.20 6.54
CA CYS A 229 5.29 -1.16 6.54
C CYS A 229 3.98 -1.93 6.46
N ALA A 230 3.98 -2.99 5.67
CA ALA A 230 2.78 -3.80 5.51
C ALA A 230 3.23 -5.24 5.32
N ARG A 231 2.59 -6.14 6.04
CA ARG A 231 2.96 -7.54 5.98
C ARG A 231 2.15 -8.36 4.99
N SER A 232 2.74 -9.45 4.54
CA SER A 232 2.07 -10.39 3.65
C SER A 232 2.61 -11.77 4.01
N GLY A 233 1.80 -12.80 3.80
CA GLY A 233 2.24 -14.14 4.14
C GLY A 233 1.45 -15.21 3.40
N LEU A 234 0.13 -15.24 3.61
CA LEU A 234 -0.75 -16.19 2.93
C LEU A 234 -0.65 -15.95 1.42
N LEU A 235 -0.70 -14.67 1.06
CA LEU A 235 -0.59 -14.25 -0.34
C LEU A 235 0.54 -13.22 -0.35
N ARG A 236 1.68 -13.57 -0.96
CA ARG A 236 2.82 -12.65 -0.95
C ARG A 236 2.59 -11.33 -1.64
N TYR A 237 1.61 -11.29 -2.55
CA TYR A 237 1.35 -10.06 -3.29
C TYR A 237 0.30 -9.14 -2.66
N ALA A 238 -0.42 -9.65 -1.67
CA ALA A 238 -1.44 -8.85 -0.99
C ALA A 238 -0.99 -8.54 0.45
N MET A 239 -0.95 -7.25 0.80
CA MET A 239 -0.52 -6.83 2.13
C MET A 239 -1.77 -6.62 2.99
N ASP A 240 -2.02 -7.58 3.87
CA ASP A 240 -3.23 -7.55 4.70
C ASP A 240 -3.15 -6.88 6.05
N TYR A 241 -1.97 -6.48 6.49
CA TYR A 241 -1.79 -5.80 7.78
C TYR A 241 -0.86 -4.64 7.54
N TRP A 242 -1.27 -3.46 7.97
CA TRP A 242 -0.46 -2.26 7.73
C TRP A 242 -0.12 -1.47 8.98
N GLY A 243 1.04 -0.82 8.94
CA GLY A 243 1.44 0.04 10.03
C GLY A 243 0.71 1.36 9.79
N GLN A 244 0.73 2.26 10.76
CA GLN A 244 0.02 3.54 10.61
C GLN A 244 0.76 4.52 9.69
N GLY A 245 1.99 4.18 9.34
CA GLY A 245 2.77 5.05 8.48
C GLY A 245 3.62 6.05 9.24
N THR A 246 4.80 6.32 8.71
CA THR A 246 5.74 7.28 9.29
C THR A 246 6.00 8.36 8.25
N SER A 247 5.85 9.62 8.65
CA SER A 247 6.07 10.73 7.75
C SER A 247 7.49 11.27 7.87
N VAL A 248 8.23 11.24 6.78
CA VAL A 248 9.60 11.75 6.75
C VAL A 248 9.58 13.01 5.88
N THR A 249 10.08 14.11 6.43
CA THR A 249 10.12 15.36 5.71
C THR A 249 11.56 15.83 5.59
N VAL A 250 11.99 16.11 4.36
CA VAL A 250 13.34 16.61 4.10
C VAL A 250 13.21 18.12 4.01
N SER A 251 13.70 18.79 5.04
CA SER A 251 13.59 20.24 5.13
C SER A 251 14.19 21.01 3.94
N SER A 252 13.84 22.30 3.85
CA SER A 252 14.37 23.15 2.79
C SER A 252 15.89 23.31 2.87
#